data_4A06
#
_entry.id   4A06
#
_cell.length_a   148.390
_cell.length_b   44.100
_cell.length_c   47.300
_cell.angle_alpha   90.00
_cell.angle_beta   100.07
_cell.angle_gamma   90.00
#
_symmetry.space_group_name_H-M   'C 1 2 1'
#
loop_
_entity.id
_entity.type
_entity.pdbx_description
1 polymer '3-PHOSPHOINOSITIDE-DEPENDENT PROTEIN KINASE 1'
2 non-polymer "ADENOSINE-5'-TRIPHOSPHATE"
3 non-polymer '(3S)-4-(5-chloro-1H-benzimidazol-2-yl)-3-(4-chlorophenyl)butanoic acid'
4 non-polymer 'DIMETHYL SULFOXIDE'
5 non-polymer 'CHLORIDE ION'
6 water water
#
_entity_poly.entity_id   1
_entity_poly.type   'polypeptide(L)'
_entity_poly.pdbx_seq_one_letter_code
;GAMDGTAAEPRPGAGSLQHAQPPPQPRKKRPEDFKFGKILGEGSFSTVVLARELATSREYAIKILEKRHIIKENKVPYVT
RERDVMSRLDHPFFVKLYFTFQDDEKLYFGLSYAKNGELLKYIRKIGSFDETCTRFYTAEIVSALEYLHGKGIIHRDLKP
ENILLNEDMHIQITDFGTAKVLSPESKQARAN(SEP)FVGTAQYVSPELLTEKSACKSSDLWALGCIIYQLVAGLPPFRA
GNEGLIFAKIIKLEYDFPEKFFPKARDLVEKLLVLDATKRLGCEEMEGYGPLKAHPFFESVTWENLHQQTPPKLT
;
_entity_poly.pdbx_strand_id   A
#
loop_
_chem_comp.id
_chem_comp.type
_chem_comp.name
_chem_comp.formula
A06 non-polymer '(3S)-4-(5-chloro-1H-benzimidazol-2-yl)-3-(4-chlorophenyl)butanoic acid' 'C17 H14 Cl2 N2 O2'
ATP non-polymer ADENOSINE-5'-TRIPHOSPHATE 'C10 H16 N5 O13 P3'
CL non-polymer 'CHLORIDE ION' 'Cl -1'
DMS non-polymer 'DIMETHYL SULFOXIDE' 'C2 H6 O S'
#
# COMPACT_ATOMS: atom_id res chain seq x y z
C ARG A 27 -16.42 -22.71 -10.81
N LYS A 28 -15.16 -23.13 -10.74
CA LYS A 28 -14.03 -22.26 -11.06
C LYS A 28 -14.18 -21.64 -12.45
N LYS A 29 -13.87 -20.36 -12.55
CA LYS A 29 -13.87 -19.68 -13.84
C LYS A 29 -12.73 -20.26 -14.67
N ARG A 30 -12.73 -19.98 -15.97
CA ARG A 30 -11.71 -20.48 -16.88
C ARG A 30 -11.36 -19.33 -17.82
N PRO A 31 -10.17 -19.38 -18.44
CA PRO A 31 -9.70 -18.30 -19.31
C PRO A 31 -10.72 -17.94 -20.40
N GLU A 32 -11.36 -18.97 -20.97
CA GLU A 32 -12.33 -18.75 -22.03
C GLU A 32 -13.63 -18.06 -21.55
N ASP A 33 -13.77 -17.88 -20.24
CA ASP A 33 -14.93 -17.16 -19.70
C ASP A 33 -14.79 -15.64 -19.84
N PHE A 34 -13.67 -15.19 -20.40
CA PHE A 34 -13.34 -13.77 -20.43
C PHE A 34 -12.91 -13.29 -21.80
N LYS A 35 -13.20 -12.03 -22.11
CA LYS A 35 -12.59 -11.37 -23.26
C LYS A 35 -11.49 -10.47 -22.72
N PHE A 36 -10.26 -10.70 -23.14
CA PHE A 36 -9.13 -9.94 -22.60
C PHE A 36 -8.85 -8.70 -23.43
N GLY A 37 -8.50 -7.61 -22.76
CA GLY A 37 -8.22 -6.37 -23.46
C GLY A 37 -6.80 -5.90 -23.23
N LYS A 38 -6.64 -4.61 -22.96
CA LYS A 38 -5.33 -4.01 -22.85
C LYS A 38 -4.60 -4.44 -21.58
N ILE A 39 -3.28 -4.44 -21.65
CA ILE A 39 -2.44 -4.61 -20.48
C ILE A 39 -2.54 -3.37 -19.60
N LEU A 40 -2.86 -3.58 -18.33
CA LEU A 40 -2.98 -2.47 -17.39
C LEU A 40 -1.65 -2.18 -16.73
N GLY A 41 -0.82 -3.20 -16.64
CA GLY A 41 0.47 -3.04 -16.00
C GLY A 41 1.32 -4.26 -16.21
N GLU A 42 2.63 -4.06 -16.12
CA GLU A 42 3.57 -5.17 -16.22
C GLU A 42 4.51 -5.14 -15.03
N GLY A 43 4.52 -6.24 -14.28
CA GLY A 43 5.45 -6.41 -13.20
C GLY A 43 6.66 -7.17 -13.70
N SER A 44 7.56 -7.53 -12.80
CA SER A 44 8.74 -8.27 -13.19
C SER A 44 8.45 -9.78 -13.22
N PHE A 45 7.35 -10.19 -12.61
CA PHE A 45 6.97 -11.61 -12.62
C PHE A 45 5.49 -11.81 -12.99
N SER A 46 4.81 -10.74 -13.37
CA SER A 46 3.39 -10.79 -13.68
C SER A 46 2.93 -9.72 -14.65
N THR A 47 1.75 -9.92 -15.23
CA THR A 47 1.13 -8.96 -16.13
C THR A 47 -0.34 -8.81 -15.71
N VAL A 48 -0.82 -7.59 -15.61
CA VAL A 48 -2.21 -7.35 -15.25
C VAL A 48 -2.92 -6.90 -16.51
N VAL A 49 -3.96 -7.64 -16.90
CA VAL A 49 -4.71 -7.39 -18.13
CA VAL A 49 -4.70 -7.36 -18.11
C VAL A 49 -6.17 -7.10 -17.80
N LEU A 50 -6.77 -6.16 -18.52
CA LEU A 50 -8.18 -5.85 -18.31
C LEU A 50 -8.99 -6.94 -19.01
N ALA A 51 -10.01 -7.46 -18.33
CA ALA A 51 -10.82 -8.54 -18.90
C ALA A 51 -12.29 -8.29 -18.62
N ARG A 52 -13.13 -8.69 -19.55
CA ARG A 52 -14.57 -8.61 -19.35
C ARG A 52 -15.12 -10.03 -19.25
N GLU A 53 -15.81 -10.34 -18.16
CA GLU A 53 -16.42 -11.64 -18.00
C GLU A 53 -17.60 -11.74 -18.96
N LEU A 54 -17.62 -12.77 -19.79
CA LEU A 54 -18.62 -12.80 -20.86
C LEU A 54 -20.05 -12.98 -20.34
N ALA A 55 -20.23 -13.85 -19.35
CA ALA A 55 -21.56 -14.13 -18.82
C ALA A 55 -22.25 -12.96 -18.11
N THR A 56 -21.45 -12.03 -17.59
CA THR A 56 -21.99 -10.96 -16.75
C THR A 56 -21.67 -9.57 -17.27
N SER A 57 -20.70 -9.49 -18.17
CA SER A 57 -20.19 -8.21 -18.67
C SER A 57 -19.43 -7.37 -17.63
N ARG A 58 -19.12 -7.97 -16.49
CA ARG A 58 -18.28 -7.31 -15.49
C ARG A 58 -16.81 -7.21 -15.91
N GLU A 59 -16.15 -6.13 -15.48
CA GLU A 59 -14.75 -5.87 -15.78
C GLU A 59 -13.86 -6.17 -14.59
N TYR A 60 -12.79 -6.91 -14.84
CA TYR A 60 -11.82 -7.25 -13.80
C TYR A 60 -10.43 -6.98 -14.29
N ALA A 61 -9.54 -6.70 -13.36
CA ALA A 61 -8.13 -6.67 -13.65
C ALA A 61 -7.59 -8.05 -13.30
N ILE A 62 -7.17 -8.77 -14.32
CA ILE A 62 -6.66 -10.11 -14.12
C ILE A 62 -5.15 -10.14 -14.12
N LYS A 63 -4.58 -10.45 -12.96
CA LYS A 63 -3.15 -10.62 -12.82
C LYS A 63 -2.83 -12.03 -13.26
N ILE A 64 -1.94 -12.14 -14.24
CA ILE A 64 -1.63 -13.42 -14.84
C ILE A 64 -0.16 -13.75 -14.58
N LEU A 65 0.10 -14.97 -14.11
CA LEU A 65 1.47 -15.43 -13.84
C LEU A 65 1.75 -16.73 -14.58
N GLU A 66 2.93 -16.84 -15.18
CA GLU A 66 3.34 -18.08 -15.84
C GLU A 66 3.98 -19.03 -14.82
N LYS A 67 3.45 -20.25 -14.73
CA LYS A 67 3.88 -21.21 -13.73
C LYS A 67 5.38 -21.54 -13.85
N ARG A 68 5.80 -21.87 -15.06
CA ARG A 68 7.20 -22.16 -15.33
C ARG A 68 8.12 -21.05 -14.82
N HIS A 69 7.82 -19.82 -15.21
CA HIS A 69 8.62 -18.68 -14.79
C HIS A 69 8.68 -18.54 -13.26
N ILE A 70 7.51 -18.56 -12.63
CA ILE A 70 7.39 -18.43 -11.18
C ILE A 70 8.18 -19.50 -10.45
N ILE A 71 8.01 -20.75 -10.88
CA ILE A 71 8.69 -21.88 -10.28
C ILE A 71 10.19 -21.76 -10.55
N LYS A 72 10.55 -21.48 -11.80
CA LYS A 72 11.94 -21.33 -12.20
C LYS A 72 12.66 -20.26 -11.39
N GLU A 73 12.03 -19.11 -11.20
CA GLU A 73 12.67 -17.99 -10.52
C GLU A 73 12.24 -17.91 -9.05
N ASN A 74 11.90 -19.07 -8.48
CA ASN A 74 11.25 -19.17 -7.17
C ASN A 74 10.54 -17.91 -6.66
N LYS A 75 9.44 -17.57 -7.32
CA LYS A 75 8.56 -16.53 -6.84
C LYS A 75 7.27 -17.17 -6.33
N VAL A 76 7.25 -18.50 -6.24
CA VAL A 76 6.05 -19.17 -5.76
C VAL A 76 5.61 -18.63 -4.40
N PRO A 77 6.57 -18.47 -3.46
CA PRO A 77 6.18 -17.98 -2.14
C PRO A 77 5.44 -16.64 -2.23
N TYR A 78 5.85 -15.77 -3.15
CA TYR A 78 5.17 -14.49 -3.32
C TYR A 78 3.73 -14.70 -3.77
N VAL A 79 3.53 -15.67 -4.64
CA VAL A 79 2.22 -15.98 -5.21
C VAL A 79 1.25 -16.51 -4.16
N THR A 80 1.68 -17.50 -3.38
CA THR A 80 0.87 -18.07 -2.32
CA THR A 80 0.83 -18.05 -2.35
C THR A 80 0.55 -17.02 -1.25
N ARG A 81 1.54 -16.20 -0.95
CA ARG A 81 1.36 -15.15 0.04
C ARG A 81 0.31 -14.16 -0.41
N GLU A 82 0.39 -13.71 -1.67
CA GLU A 82 -0.59 -12.76 -2.19
C GLU A 82 -2.01 -13.29 -2.07
N ARG A 83 -2.21 -14.55 -2.47
CA ARG A 83 -3.55 -15.12 -2.42
C ARG A 83 -4.04 -15.26 -0.99
N ASP A 84 -3.16 -15.75 -0.12
CA ASP A 84 -3.52 -15.93 1.29
C ASP A 84 -3.91 -14.61 1.95
N VAL A 85 -3.10 -13.58 1.75
CA VAL A 85 -3.39 -12.29 2.37
C VAL A 85 -4.66 -11.64 1.79
N MET A 86 -4.78 -11.58 0.47
CA MET A 86 -5.96 -10.94 -0.13
C MET A 86 -7.25 -11.65 0.22
N SER A 87 -7.16 -12.96 0.45
CA SER A 87 -8.32 -13.74 0.83
C SER A 87 -8.84 -13.32 2.21
N ARG A 88 -8.03 -12.61 2.97
CA ARG A 88 -8.43 -12.24 4.34
C ARG A 88 -9.03 -10.85 4.42
N LEU A 89 -8.97 -10.12 3.31
CA LEU A 89 -9.32 -8.72 3.31
C LEU A 89 -10.70 -8.47 2.74
N ASP A 90 -11.48 -7.66 3.45
CA ASP A 90 -12.80 -7.29 3.01
C ASP A 90 -13.11 -5.84 3.42
N HIS A 91 -12.58 -4.89 2.68
CA HIS A 91 -12.64 -3.50 3.10
C HIS A 91 -12.61 -2.62 1.88
N PRO A 92 -13.36 -1.51 1.90
CA PRO A 92 -13.51 -0.71 0.69
C PRO A 92 -12.21 -0.15 0.16
N PHE A 93 -11.21 0.04 1.00
CA PHE A 93 -9.99 0.69 0.55
C PHE A 93 -8.91 -0.30 0.10
N PHE A 94 -9.31 -1.52 -0.25
CA PHE A 94 -8.34 -2.51 -0.75
C PHE A 94 -8.84 -3.16 -2.00
N VAL A 95 -7.92 -3.43 -2.92
CA VAL A 95 -8.24 -4.19 -4.11
C VAL A 95 -8.76 -5.52 -3.64
N LYS A 96 -9.83 -5.99 -4.29
CA LYS A 96 -10.47 -7.23 -3.89
C LYS A 96 -10.09 -8.35 -4.83
N LEU A 97 -9.81 -9.52 -4.25
CA LEU A 97 -9.56 -10.72 -5.00
C LEU A 97 -10.89 -11.46 -5.10
N TYR A 98 -11.47 -11.48 -6.30
CA TYR A 98 -12.76 -12.11 -6.50
C TYR A 98 -12.64 -13.60 -6.73
N PHE A 99 -11.62 -13.99 -7.48
CA PHE A 99 -11.47 -15.37 -7.86
C PHE A 99 -10.07 -15.67 -8.31
N THR A 100 -9.73 -16.96 -8.30
CA THR A 100 -8.49 -17.45 -8.87
C THR A 100 -8.80 -18.70 -9.69
N PHE A 101 -8.05 -18.91 -10.77
CA PHE A 101 -8.12 -20.16 -11.48
C PHE A 101 -6.80 -20.40 -12.17
N GLN A 102 -6.66 -21.55 -12.80
CA GLN A 102 -5.42 -21.82 -13.48
C GLN A 102 -5.66 -22.64 -14.74
N ASP A 103 -4.66 -22.64 -15.61
CA ASP A 103 -4.67 -23.55 -16.73
C ASP A 103 -3.31 -24.21 -16.78
N ASP A 104 -2.98 -24.88 -17.88
CA ASP A 104 -1.75 -25.65 -17.94
C ASP A 104 -0.50 -24.82 -17.63
N GLU A 105 -0.47 -23.58 -18.10
CA GLU A 105 0.75 -22.76 -18.02
C GLU A 105 0.69 -21.55 -17.09
N LYS A 106 -0.49 -21.15 -16.64
CA LYS A 106 -0.64 -19.87 -15.96
C LYS A 106 -1.56 -19.91 -14.76
N LEU A 107 -1.33 -18.95 -13.85
CA LEU A 107 -2.22 -18.66 -12.73
C LEU A 107 -2.90 -17.32 -13.03
N TYR A 108 -4.15 -17.18 -12.61
CA TYR A 108 -4.93 -15.99 -12.89
C TYR A 108 -5.57 -15.53 -11.59
N PHE A 109 -5.31 -14.28 -11.21
CA PHE A 109 -5.97 -13.62 -10.08
C PHE A 109 -7.01 -12.63 -10.60
N GLY A 110 -8.30 -12.86 -10.32
CA GLY A 110 -9.33 -11.90 -10.72
C GLY A 110 -9.49 -10.80 -9.68
N LEU A 111 -9.08 -9.60 -10.03
CA LEU A 111 -8.99 -8.49 -9.08
C LEU A 111 -9.95 -7.38 -9.46
N SER A 112 -10.35 -6.57 -8.49
CA SER A 112 -11.14 -5.40 -8.84
C SER A 112 -10.28 -4.47 -9.67
N TYR A 113 -10.92 -3.82 -10.63
CA TYR A 113 -10.29 -2.91 -11.57
C TYR A 113 -10.31 -1.48 -11.04
N ALA A 114 -9.15 -0.94 -10.71
CA ALA A 114 -9.09 0.46 -10.31
C ALA A 114 -8.85 1.30 -11.55
N LYS A 115 -9.91 1.84 -12.11
CA LYS A 115 -9.87 2.48 -13.43
C LYS A 115 -8.92 3.68 -13.50
N ASN A 116 -8.70 4.33 -12.37
CA ASN A 116 -7.90 5.55 -12.38
C ASN A 116 -6.41 5.37 -12.06
N GLY A 117 -5.95 4.13 -12.04
CA GLY A 117 -4.53 3.86 -11.96
C GLY A 117 -3.92 4.26 -10.64
N GLU A 118 -2.62 4.51 -10.62
CA GLU A 118 -1.92 4.74 -9.36
C GLU A 118 -1.83 6.19 -8.91
N LEU A 119 -1.78 6.36 -7.61
CA LEU A 119 -1.68 7.67 -6.99
C LEU A 119 -0.42 8.42 -7.45
N LEU A 120 0.65 7.66 -7.69
CA LEU A 120 1.91 8.26 -8.11
C LEU A 120 1.72 9.09 -9.36
N LYS A 121 0.86 8.62 -10.25
CA LYS A 121 0.60 9.32 -11.51
C LYS A 121 0.09 10.71 -11.24
N TYR A 122 -0.76 10.84 -10.22
CA TYR A 122 -1.34 12.14 -9.91
C TYR A 122 -0.33 13.04 -9.23
N ILE A 123 0.51 12.47 -8.37
CA ILE A 123 1.52 13.27 -7.72
C ILE A 123 2.43 13.85 -8.79
N ARG A 124 2.83 13.03 -9.75
CA ARG A 124 3.74 13.48 -10.80
C ARG A 124 3.12 14.59 -11.65
N LYS A 125 1.84 14.41 -11.96
CA LYS A 125 1.11 15.27 -12.89
C LYS A 125 0.70 16.59 -12.24
N ILE A 126 0.46 16.56 -10.93
CA ILE A 126 -0.01 17.73 -10.19
C ILE A 126 1.13 18.39 -9.42
N GLY A 127 2.09 17.58 -9.01
CA GLY A 127 3.26 18.12 -8.35
C GLY A 127 3.17 18.16 -6.84
N SER A 128 2.01 18.56 -6.34
CA SER A 128 1.83 18.74 -4.91
C SER A 128 0.33 18.85 -4.63
N PHE A 129 -0.18 18.02 -3.74
CA PHE A 129 -1.60 18.11 -3.36
C PHE A 129 -1.89 19.28 -2.42
N ASP A 130 -3.03 19.94 -2.60
CA ASP A 130 -3.43 20.98 -1.64
C ASP A 130 -3.74 20.34 -0.28
N GLU A 131 -4.05 21.15 0.73
CA GLU A 131 -4.19 20.58 2.07
C GLU A 131 -5.41 19.67 2.19
N THR A 132 -6.52 20.09 1.59
CA THR A 132 -7.73 19.28 1.60
C THR A 132 -7.53 17.89 0.97
N CYS A 133 -6.88 17.84 -0.19
CA CYS A 133 -6.68 16.56 -0.85
C CYS A 133 -5.67 15.72 -0.09
N THR A 134 -4.65 16.37 0.44
CA THR A 134 -3.66 15.64 1.23
C THR A 134 -4.35 15.00 2.42
N ARG A 135 -5.15 15.79 3.12
CA ARG A 135 -5.84 15.27 4.31
C ARG A 135 -6.79 14.13 3.95
N PHE A 136 -7.56 14.33 2.89
CA PHE A 136 -8.53 13.30 2.50
C PHE A 136 -7.84 11.98 2.19
N TYR A 137 -6.82 12.02 1.34
CA TYR A 137 -6.22 10.76 0.94
C TYR A 137 -5.40 10.14 2.07
N THR A 138 -4.78 10.99 2.88
CA THR A 138 -4.08 10.49 4.08
C THR A 138 -5.08 9.77 4.99
N ALA A 139 -6.26 10.37 5.18
CA ALA A 139 -7.28 9.80 6.05
C ALA A 139 -7.71 8.43 5.51
N GLU A 140 -7.87 8.32 4.20
CA GLU A 140 -8.25 7.05 3.63
C GLU A 140 -7.16 6.00 3.85
N ILE A 141 -5.89 6.41 3.71
CA ILE A 141 -4.79 5.46 3.94
C ILE A 141 -4.74 5.07 5.41
N VAL A 142 -4.92 6.04 6.30
CA VAL A 142 -4.98 5.74 7.73
C VAL A 142 -6.09 4.75 8.05
N SER A 143 -7.28 5.00 7.51
CA SER A 143 -8.42 4.10 7.68
CA SER A 143 -8.39 4.08 7.71
C SER A 143 -8.04 2.69 7.25
N ALA A 144 -7.44 2.58 6.06
CA ALA A 144 -7.06 1.30 5.50
C ALA A 144 -6.06 0.57 6.40
N LEU A 145 -5.06 1.30 6.89
CA LEU A 145 -4.04 0.71 7.75
C LEU A 145 -4.63 0.25 9.08
N GLU A 146 -5.59 1.00 9.60
CA GLU A 146 -6.22 0.60 10.83
C GLU A 146 -6.88 -0.75 10.64
N TYR A 147 -7.56 -0.91 9.51
CA TYR A 147 -8.20 -2.18 9.22
C TYR A 147 -7.13 -3.26 9.09
N LEU A 148 -6.09 -2.95 8.33
CA LEU A 148 -5.08 -3.96 8.01
C LEU A 148 -4.38 -4.41 9.28
N HIS A 149 -3.93 -3.46 10.08
CA HIS A 149 -3.25 -3.77 11.32
C HIS A 149 -4.16 -4.45 12.33
N GLY A 150 -5.44 -4.12 12.30
CA GLY A 150 -6.45 -4.79 13.11
C GLY A 150 -6.56 -6.29 12.80
N LYS A 151 -6.26 -6.67 11.57
CA LYS A 151 -6.25 -8.08 11.20
C LYS A 151 -4.87 -8.70 11.43
N GLY A 152 -3.96 -7.92 11.99
CA GLY A 152 -2.60 -8.40 12.25
C GLY A 152 -1.78 -8.59 10.98
N ILE A 153 -2.02 -7.76 9.98
CA ILE A 153 -1.27 -7.88 8.73
C ILE A 153 -0.40 -6.65 8.54
N ILE A 154 0.86 -6.85 8.15
CA ILE A 154 1.75 -5.75 7.78
C ILE A 154 1.86 -5.70 6.25
N HIS A 155 1.70 -4.51 5.65
CA HIS A 155 1.79 -4.40 4.18
C HIS A 155 3.25 -4.54 3.71
N ARG A 156 4.13 -3.72 4.30
CA ARG A 156 5.57 -3.73 4.04
C ARG A 156 6.02 -3.10 2.71
N ASP A 157 5.08 -2.80 1.82
CA ASP A 157 5.47 -2.13 0.57
C ASP A 157 4.45 -1.05 0.25
N LEU A 158 4.12 -0.28 1.27
CA LEU A 158 3.19 0.82 1.12
C LEU A 158 3.90 1.96 0.38
N LYS A 159 3.33 2.38 -0.75
CA LYS A 159 3.92 3.44 -1.55
C LYS A 159 2.90 3.89 -2.59
N PRO A 160 3.08 5.10 -3.15
CA PRO A 160 2.03 5.62 -4.04
C PRO A 160 1.80 4.74 -5.26
N GLU A 161 2.82 4.01 -5.69
CA GLU A 161 2.64 3.08 -6.81
C GLU A 161 1.69 1.96 -6.45
N ASN A 162 1.56 1.68 -5.16
CA ASN A 162 0.72 0.60 -4.66
C ASN A 162 -0.62 1.05 -4.11
N ILE A 163 -0.90 2.33 -4.30
CA ILE A 163 -2.18 2.90 -3.89
C ILE A 163 -2.90 3.31 -5.16
N LEU A 164 -3.86 2.49 -5.57
CA LEU A 164 -4.58 2.73 -6.83
C LEU A 164 -5.84 3.53 -6.53
N LEU A 165 -6.46 4.06 -7.56
CA LEU A 165 -7.65 4.88 -7.41
C LEU A 165 -8.76 4.31 -8.27
N ASN A 166 -9.93 4.08 -7.66
CA ASN A 166 -11.04 3.53 -8.43
C ASN A 166 -11.75 4.63 -9.23
N GLU A 167 -12.85 4.27 -9.87
CA GLU A 167 -13.56 5.19 -10.75
C GLU A 167 -14.16 6.37 -9.98
N ASP A 168 -14.29 6.24 -8.67
CA ASP A 168 -14.79 7.32 -7.83
C ASP A 168 -13.65 8.10 -7.19
N MET A 169 -12.42 7.71 -7.48
CA MET A 169 -11.25 8.36 -6.90
C MET A 169 -11.07 8.08 -5.41
N HIS A 170 -11.62 6.97 -4.93
CA HIS A 170 -11.24 6.49 -3.61
C HIS A 170 -10.07 5.56 -3.80
N ILE A 171 -9.24 5.42 -2.77
CA ILE A 171 -8.04 4.57 -2.88
C ILE A 171 -8.41 3.10 -2.88
N GLN A 172 -7.53 2.32 -3.49
CA GLN A 172 -7.62 0.88 -3.53
C GLN A 172 -6.20 0.37 -3.33
N ILE A 173 -5.86 -0.07 -2.13
CA ILE A 173 -4.50 -0.51 -1.87
C ILE A 173 -4.27 -1.92 -2.40
N THR A 174 -3.10 -2.11 -3.00
CA THR A 174 -2.81 -3.36 -3.69
C THR A 174 -1.42 -3.86 -3.37
N ASP A 175 -1.03 -4.97 -3.99
CA ASP A 175 0.32 -5.53 -3.89
C ASP A 175 0.61 -6.21 -2.56
N PHE A 176 0.04 -7.40 -2.37
CA PHE A 176 0.12 -8.05 -1.08
C PHE A 176 1.01 -9.27 -1.07
N GLY A 177 1.78 -9.44 -2.14
CA GLY A 177 2.71 -10.57 -2.22
C GLY A 177 3.85 -10.42 -1.22
N THR A 178 4.11 -9.19 -0.79
CA THR A 178 5.16 -8.94 0.20
C THR A 178 4.61 -8.60 1.58
N ALA A 179 3.30 -8.74 1.75
CA ALA A 179 2.67 -8.51 3.04
C ALA A 179 2.91 -9.72 3.94
N LYS A 180 2.63 -9.56 5.22
CA LYS A 180 2.87 -10.62 6.17
C LYS A 180 1.68 -10.73 7.11
N VAL A 181 1.12 -11.92 7.26
CA VAL A 181 0.13 -12.13 8.30
C VAL A 181 0.86 -12.56 9.56
N LEU A 182 0.85 -11.71 10.58
CA LEU A 182 1.48 -12.03 11.86
C LEU A 182 0.63 -13.04 12.63
N SER A 183 1.30 -13.89 13.39
CA SER A 183 0.63 -14.97 14.09
C SER A 183 0.08 -14.50 15.43
N PRO A 184 -1.25 -14.56 15.59
CA PRO A 184 -1.84 -14.19 16.87
C PRO A 184 -1.42 -15.20 17.95
N GLU A 185 -1.30 -16.46 17.54
CA GLU A 185 -0.97 -17.54 18.46
C GLU A 185 0.34 -17.31 19.23
N SER A 186 1.33 -16.72 18.58
CA SER A 186 2.61 -16.46 19.24
CA SER A 186 2.62 -16.45 19.22
C SER A 186 2.79 -14.96 19.52
N LYS A 187 1.69 -14.21 19.44
CA LYS A 187 1.72 -12.76 19.62
C LYS A 187 2.89 -12.14 18.86
N GLN A 188 3.13 -12.65 17.66
CA GLN A 188 4.20 -12.18 16.80
C GLN A 188 4.01 -10.71 16.47
N ALA A 189 5.08 -9.92 16.63
CA ALA A 189 5.01 -8.50 16.33
C ALA A 189 6.02 -8.11 15.25
N ARG A 190 7.01 -8.98 15.03
CA ARG A 190 8.07 -8.71 14.06
C ARG A 190 8.17 -9.80 12.99
N ALA A 191 8.51 -9.39 11.77
CA ALA A 191 8.64 -10.29 10.63
C ALA A 191 10.05 -10.19 10.08
N ASN A 192 10.56 -11.27 9.49
CA ASN A 192 11.97 -11.35 9.15
C ASN A 192 12.33 -11.26 7.65
N SEP A 193 11.32 -11.26 6.78
CA SEP A 193 11.61 -11.21 5.35
CB SEP A 193 10.40 -11.67 4.54
OG SEP A 193 10.06 -13.01 4.86
C SEP A 193 12.04 -9.81 4.94
O SEP A 193 11.42 -8.81 5.32
P SEP A 193 8.63 -13.07 5.61
O1P SEP A 193 7.44 -12.72 4.60
O2P SEP A 193 8.41 -14.55 6.19
O3P SEP A 193 8.63 -12.05 6.84
N PHE A 194 13.10 -9.74 4.14
CA PHE A 194 13.55 -8.44 3.69
C PHE A 194 12.83 -8.07 2.41
N VAL A 195 11.82 -7.22 2.52
CA VAL A 195 11.04 -6.81 1.37
C VAL A 195 10.76 -5.31 1.45
N GLY A 196 10.32 -4.74 0.35
CA GLY A 196 9.93 -3.34 0.34
C GLY A 196 10.60 -2.57 -0.78
N THR A 197 10.39 -1.25 -0.75
CA THR A 197 10.99 -0.35 -1.73
C THR A 197 11.85 0.66 -0.99
N ALA A 198 13.08 0.84 -1.47
CA ALA A 198 14.09 1.61 -0.74
C ALA A 198 13.57 2.93 -0.19
N GLN A 199 12.87 3.71 -1.00
CA GLN A 199 12.46 5.05 -0.57
C GLN A 199 11.57 4.98 0.69
N TYR A 200 10.85 3.87 0.87
CA TYR A 200 9.83 3.79 1.90
C TYR A 200 10.19 2.81 3.00
N VAL A 201 11.31 2.12 2.84
CA VAL A 201 11.74 1.13 3.82
C VAL A 201 12.01 1.77 5.17
N SER A 202 11.59 1.10 6.23
CA SER A 202 11.75 1.65 7.58
C SER A 202 13.17 1.40 8.09
N PRO A 203 13.63 2.26 9.01
CA PRO A 203 14.97 2.06 9.58
C PRO A 203 15.14 0.73 10.29
N GLU A 204 14.11 0.22 10.96
CA GLU A 204 14.25 -1.04 11.68
C GLU A 204 14.55 -2.21 10.77
N LEU A 205 14.06 -2.15 9.54
CA LEU A 205 14.33 -3.22 8.60
C LEU A 205 15.80 -3.19 8.19
N LEU A 206 16.35 -1.99 8.13
CA LEU A 206 17.74 -1.80 7.74
C LEU A 206 18.71 -2.15 8.86
N THR A 207 18.33 -1.88 10.10
CA THR A 207 19.24 -2.01 11.22
C THR A 207 18.96 -3.24 12.09
N GLU A 208 17.68 -3.60 12.25
CA GLU A 208 17.31 -4.75 13.07
C GLU A 208 16.93 -5.95 12.19
N LYS A 209 16.85 -5.70 10.89
CA LYS A 209 16.57 -6.75 9.93
C LYS A 209 15.19 -7.36 10.17
N SER A 210 14.26 -6.54 10.68
CA SER A 210 12.89 -7.01 10.89
C SER A 210 11.89 -5.86 10.72
N ALA A 211 10.65 -6.20 10.37
CA ALA A 211 9.62 -5.19 10.21
C ALA A 211 8.47 -5.47 11.16
N CYS A 212 7.70 -4.44 11.47
CA CYS A 212 6.53 -4.58 12.31
C CYS A 212 5.42 -3.70 11.75
N LYS A 213 4.27 -3.68 12.42
CA LYS A 213 3.15 -2.91 11.93
C LYS A 213 3.59 -1.46 11.82
N SER A 214 4.42 -1.03 12.77
CA SER A 214 4.90 0.33 12.79
C SER A 214 5.69 0.70 11.53
N SER A 215 6.28 -0.28 10.85
CA SER A 215 7.01 0.03 9.62
CA SER A 215 7.00 -0.02 9.59
C SER A 215 6.11 0.66 8.57
N ASP A 216 4.82 0.29 8.56
CA ASP A 216 3.85 0.88 7.63
C ASP A 216 3.54 2.35 7.98
N LEU A 217 3.68 2.69 9.26
CA LEU A 217 3.47 4.05 9.73
C LEU A 217 4.65 4.91 9.29
N TRP A 218 5.84 4.32 9.26
CA TRP A 218 6.96 5.00 8.64
C TRP A 218 6.63 5.32 7.19
N ALA A 219 6.20 4.31 6.43
CA ALA A 219 5.84 4.52 5.03
C ALA A 219 4.75 5.57 4.88
N LEU A 220 3.80 5.59 5.81
CA LEU A 220 2.72 6.57 5.78
C LEU A 220 3.32 7.98 5.87
N GLY A 221 4.24 8.17 6.80
CA GLY A 221 4.91 9.45 6.93
C GLY A 221 5.58 9.86 5.61
N CYS A 222 6.28 8.91 4.97
CA CYS A 222 6.96 9.17 3.69
C CYS A 222 5.96 9.61 2.63
N ILE A 223 4.80 8.95 2.60
CA ILE A 223 3.77 9.24 1.61
C ILE A 223 3.12 10.60 1.85
N ILE A 224 2.76 10.90 3.09
CA ILE A 224 2.25 12.24 3.39
C ILE A 224 3.24 13.33 2.94
N TYR A 225 4.49 13.17 3.33
CA TYR A 225 5.53 14.09 2.90
C TYR A 225 5.52 14.21 1.37
N GLN A 226 5.50 13.08 0.69
CA GLN A 226 5.49 13.11 -0.78
C GLN A 226 4.25 13.80 -1.39
N LEU A 227 3.08 13.61 -0.79
CA LEU A 227 1.87 14.26 -1.29
C LEU A 227 2.00 15.78 -1.28
N VAL A 228 2.63 16.31 -0.24
CA VAL A 228 2.79 17.76 -0.10
C VAL A 228 4.04 18.27 -0.85
N ALA A 229 5.12 17.50 -0.78
CA ALA A 229 6.42 17.95 -1.29
C ALA A 229 6.66 17.58 -2.75
N GLY A 230 5.99 16.53 -3.21
CA GLY A 230 6.17 16.07 -4.58
C GLY A 230 7.14 14.89 -4.69
N LEU A 231 8.14 14.86 -3.81
CA LEU A 231 9.06 13.75 -3.74
C LEU A 231 9.11 13.21 -2.32
N PRO A 232 9.43 11.92 -2.15
CA PRO A 232 9.50 11.36 -0.80
C PRO A 232 10.72 11.94 -0.09
N PRO A 233 10.81 11.80 1.24
CA PRO A 233 11.79 12.54 2.04
C PRO A 233 13.23 12.11 1.84
N PHE A 234 13.47 10.82 1.63
CA PHE A 234 14.83 10.30 1.54
C PHE A 234 15.14 10.04 0.07
N ARG A 235 15.89 10.96 -0.51
CA ARG A 235 16.04 11.03 -1.95
C ARG A 235 17.49 10.81 -2.26
N ALA A 236 17.76 9.92 -3.20
CA ALA A 236 19.11 9.77 -3.74
C ALA A 236 19.04 8.95 -5.02
N GLY A 237 20.13 8.92 -5.75
CA GLY A 237 20.14 8.26 -7.04
C GLY A 237 20.25 6.76 -6.95
N ASN A 238 20.63 6.24 -5.78
CA ASN A 238 20.75 4.80 -5.60
C ASN A 238 20.37 4.32 -4.20
N GLU A 239 20.01 3.05 -4.12
CA GLU A 239 19.47 2.46 -2.90
C GLU A 239 20.36 2.66 -1.68
N GLY A 240 21.66 2.42 -1.85
CA GLY A 240 22.59 2.46 -0.72
C GLY A 240 22.64 3.83 -0.08
N LEU A 241 22.63 4.87 -0.92
CA LEU A 241 22.62 6.24 -0.46
C LEU A 241 21.32 6.52 0.30
N ILE A 242 20.20 6.06 -0.25
CA ILE A 242 18.90 6.22 0.43
C ILE A 242 18.96 5.54 1.79
N PHE A 243 19.50 4.32 1.83
CA PHE A 243 19.56 3.59 3.10
C PHE A 243 20.32 4.39 4.14
N ALA A 244 21.45 4.99 3.74
CA ALA A 244 22.28 5.73 4.67
C ALA A 244 21.56 6.94 5.26
N LYS A 245 20.79 7.65 4.44
CA LYS A 245 19.97 8.77 4.91
C LYS A 245 18.81 8.35 5.85
N ILE A 246 18.17 7.22 5.56
CA ILE A 246 17.06 6.75 6.37
C ILE A 246 17.53 6.49 7.79
N ILE A 247 18.68 5.83 7.94
CA ILE A 247 19.10 5.44 9.29
C ILE A 247 19.60 6.64 10.10
N LYS A 248 19.95 7.72 9.43
CA LYS A 248 20.35 8.94 10.11
C LYS A 248 19.20 9.95 10.19
N LEU A 249 18.03 9.55 9.72
CA LEU A 249 16.87 10.45 9.63
C LEU A 249 17.29 11.73 8.93
N GLU A 250 17.97 11.57 7.80
CA GLU A 250 18.48 12.72 7.07
C GLU A 250 17.48 13.18 6.01
N TYR A 251 16.62 14.12 6.41
CA TYR A 251 15.65 14.74 5.51
C TYR A 251 15.26 16.12 6.05
N ASP A 252 14.60 16.93 5.22
CA ASP A 252 14.10 18.22 5.65
C ASP A 252 12.82 18.57 4.91
N PHE A 253 12.07 19.55 5.43
CA PHE A 253 10.84 19.99 4.79
C PHE A 253 11.08 21.19 3.88
N PRO A 254 10.38 21.23 2.72
CA PRO A 254 10.43 22.44 1.91
C PRO A 254 9.68 23.55 2.61
N GLU A 255 9.83 24.77 2.11
CA GLU A 255 9.02 25.87 2.62
C GLU A 255 7.56 25.63 2.25
N LYS A 256 6.66 26.19 3.04
CA LYS A 256 5.23 26.12 2.74
C LYS A 256 4.64 24.76 3.02
N PHE A 257 5.38 23.91 3.73
CA PHE A 257 4.82 22.64 4.12
C PHE A 257 3.76 22.90 5.20
N PHE A 258 2.52 22.47 4.94
CA PHE A 258 1.43 22.73 5.89
C PHE A 258 1.87 22.35 7.30
N PRO A 259 1.78 23.30 8.24
CA PRO A 259 2.23 23.10 9.62
C PRO A 259 1.72 21.83 10.27
N LYS A 260 0.41 21.59 10.21
CA LYS A 260 -0.14 20.42 10.87
C LYS A 260 0.30 19.14 10.18
N ALA A 261 0.48 19.18 8.87
CA ALA A 261 1.00 18.00 8.18
C ALA A 261 2.44 17.77 8.58
N ARG A 262 3.21 18.84 8.72
CA ARG A 262 4.60 18.71 9.13
C ARG A 262 4.67 18.07 10.50
N ASP A 263 3.81 18.51 11.40
CA ASP A 263 3.80 17.96 12.76
C ASP A 263 3.49 16.47 12.72
N LEU A 264 2.54 16.08 11.88
CA LEU A 264 2.20 14.68 11.73
C LEU A 264 3.36 13.88 11.16
N VAL A 265 4.00 14.41 10.12
CA VAL A 265 5.12 13.69 9.52
C VAL A 265 6.22 13.47 10.53
N GLU A 266 6.47 14.48 11.36
CA GLU A 266 7.53 14.37 12.34
C GLU A 266 7.21 13.33 13.43
N LYS A 267 5.94 13.01 13.60
CA LYS A 267 5.55 12.02 14.61
C LYS A 267 5.51 10.62 14.02
N LEU A 268 5.68 10.51 12.70
CA LEU A 268 5.68 9.22 12.03
C LEU A 268 7.10 8.83 11.61
N LEU A 269 7.87 9.80 11.15
CA LEU A 269 9.25 9.54 10.75
C LEU A 269 10.13 9.65 11.98
N VAL A 270 10.04 8.61 12.81
CA VAL A 270 10.80 8.54 14.05
C VAL A 270 11.59 7.23 13.99
N LEU A 271 12.89 7.29 14.30
CA LEU A 271 13.73 6.11 14.15
C LEU A 271 13.18 4.98 15.01
N ASP A 272 12.90 5.29 16.28
CA ASP A 272 12.35 4.31 17.22
C ASP A 272 10.93 3.90 16.82
N ALA A 273 10.75 2.66 16.38
CA ALA A 273 9.46 2.22 15.84
C ALA A 273 8.33 2.13 16.87
N THR A 274 8.69 2.18 18.16
CA THR A 274 7.70 2.13 19.23
C THR A 274 7.23 3.52 19.59
N LYS A 275 7.70 4.52 18.87
CA LYS A 275 7.39 5.89 19.21
C LYS A 275 6.63 6.59 18.10
N ARG A 276 6.22 5.82 17.10
CA ARG A 276 5.47 6.36 15.95
C ARG A 276 3.99 6.45 16.28
N LEU A 277 3.42 7.62 16.01
CA LEU A 277 2.01 7.83 16.31
C LEU A 277 1.20 6.81 15.52
N GLY A 278 0.34 6.08 16.20
CA GLY A 278 -0.42 5.03 15.51
C GLY A 278 0.01 3.62 15.87
N CYS A 279 1.20 3.48 16.44
CA CYS A 279 1.69 2.14 16.70
C CYS A 279 1.11 1.61 18.02
N GLU A 280 1.17 0.30 18.20
CA GLU A 280 0.53 -0.31 19.36
C GLU A 280 1.09 0.26 20.65
N GLU A 281 2.39 0.56 20.66
CA GLU A 281 3.03 1.08 21.87
C GLU A 281 2.61 2.50 22.17
N MET A 282 2.05 3.20 21.16
CA MET A 282 1.52 4.54 21.38
C MET A 282 0.01 4.49 21.44
N GLU A 283 -0.51 3.29 21.69
CA GLU A 283 -1.93 3.08 21.96
C GLU A 283 -2.79 3.17 20.71
N GLY A 284 -2.19 2.90 19.56
CA GLY A 284 -2.93 2.60 18.36
C GLY A 284 -3.50 3.77 17.58
N TYR A 285 -4.59 3.49 16.87
CA TYR A 285 -5.12 4.42 15.86
C TYR A 285 -5.93 5.57 16.40
N GLY A 286 -6.45 5.44 17.62
CA GLY A 286 -7.23 6.51 18.20
C GLY A 286 -6.42 7.78 18.23
N PRO A 287 -5.24 7.74 18.86
CA PRO A 287 -4.44 8.98 18.94
C PRO A 287 -3.99 9.50 17.57
N LEU A 288 -3.75 8.62 16.61
CA LEU A 288 -3.39 9.04 15.26
C LEU A 288 -4.55 9.78 14.58
N LYS A 289 -5.72 9.16 14.62
CA LYS A 289 -6.90 9.74 14.00
C LYS A 289 -7.30 11.04 14.69
N ALA A 290 -6.84 11.22 15.92
CA ALA A 290 -7.16 12.42 16.69
C ALA A 290 -6.17 13.55 16.43
N HIS A 291 -5.13 13.29 15.63
CA HIS A 291 -4.16 14.35 15.33
C HIS A 291 -4.86 15.58 14.74
N PRO A 292 -4.42 16.79 15.13
CA PRO A 292 -5.07 18.02 14.64
C PRO A 292 -5.15 18.07 13.10
N PHE A 293 -4.29 17.36 12.40
CA PHE A 293 -4.33 17.39 10.94
C PHE A 293 -5.67 16.83 10.45
N PHE A 294 -6.24 15.91 11.21
CA PHE A 294 -7.48 15.26 10.79
C PHE A 294 -8.69 15.87 11.45
N GLU A 295 -8.54 17.05 12.02
CA GLU A 295 -9.64 17.63 12.82
C GLU A 295 -10.97 17.71 12.08
N SER A 296 -10.92 18.00 10.79
CA SER A 296 -12.15 18.13 10.03
C SER A 296 -12.70 16.80 9.51
N VAL A 297 -11.99 15.71 9.75
CA VAL A 297 -12.33 14.44 9.10
C VAL A 297 -13.45 13.67 9.77
N THR A 298 -14.43 13.23 8.97
CA THR A 298 -15.44 12.31 9.45
C THR A 298 -15.03 10.89 9.07
N TRP A 299 -14.51 10.18 10.05
CA TRP A 299 -13.84 8.92 9.77
C TRP A 299 -14.80 7.83 9.33
N GLU A 300 -16.04 7.91 9.82
CA GLU A 300 -16.96 6.80 9.75
C GLU A 300 -17.46 6.47 8.34
N ASN A 301 -17.59 7.47 7.48
CA ASN A 301 -18.12 7.16 6.15
C ASN A 301 -17.24 7.69 5.02
N LEU A 302 -15.93 7.70 5.25
CA LEU A 302 -15.00 8.20 4.24
C LEU A 302 -15.31 7.62 2.88
N HIS A 303 -15.57 6.31 2.82
CA HIS A 303 -15.65 5.67 1.52
C HIS A 303 -16.93 6.03 0.79
N GLN A 304 -17.84 6.67 1.49
CA GLN A 304 -19.07 7.14 0.85
C GLN A 304 -19.04 8.64 0.58
N GLN A 305 -17.98 9.32 1.00
CA GLN A 305 -17.82 10.74 0.73
C GLN A 305 -17.28 10.93 -0.68
N THR A 306 -17.65 12.06 -1.29
CA THR A 306 -17.07 12.45 -2.57
C THR A 306 -15.69 13.02 -2.31
N PRO A 307 -14.64 12.40 -2.87
CA PRO A 307 -13.28 12.89 -2.68
C PRO A 307 -13.15 14.27 -3.28
N PRO A 308 -12.26 15.11 -2.71
CA PRO A 308 -12.10 16.46 -3.26
C PRO A 308 -11.42 16.34 -4.61
N LYS A 309 -11.64 17.34 -5.48
CA LYS A 309 -11.08 17.31 -6.82
C LYS A 309 -9.61 17.69 -6.77
N LEU A 310 -8.75 16.88 -7.38
CA LEU A 310 -7.31 17.13 -7.33
C LEU A 310 -6.94 18.42 -8.05
N THR A 311 -7.72 18.78 -9.07
PG ATP B . 6.33 -6.63 -9.51
O1G ATP B . 5.97 -6.54 -8.05
O2G ATP B . 7.80 -6.39 -9.82
O3G ATP B . 5.75 -7.82 -10.24
PB ATP B . 4.08 -4.93 -9.87
O1B ATP B . 3.96 -3.46 -10.14
O2B ATP B . 3.68 -5.50 -8.53
O3B ATP B . 5.62 -5.34 -10.18
PA ATP B . 1.75 -6.01 -11.07
O1A ATP B . 1.24 -5.97 -9.64
O2A ATP B . 1.49 -7.22 -11.92
O3A ATP B . 3.34 -5.74 -11.04
O5' ATP B . 1.16 -4.74 -11.88
C5' ATP B . 1.96 -3.63 -12.27
C4' ATP B . 1.04 -2.50 -12.70
O4' ATP B . -0.28 -3.02 -12.93
C3' ATP B . 0.89 -1.43 -11.63
O3' ATP B . 1.74 -0.31 -11.89
C2' ATP B . -0.57 -1.01 -11.68
O2' ATP B . -0.70 0.26 -12.34
C1' ATP B . -1.28 -2.10 -12.49
N9 ATP B . -2.32 -2.77 -11.66
C8 ATP B . -2.12 -3.76 -10.75
N7 ATP B . -3.29 -4.13 -10.16
C5 ATP B . -4.26 -3.38 -10.70
C6 ATP B . -5.74 -3.25 -10.55
N6 ATP B . -6.40 -4.04 -9.67
N1 ATP B . -6.39 -2.32 -11.30
C2 ATP B . -5.73 -1.53 -12.18
N3 ATP B . -4.39 -1.59 -12.38
C4 ATP B . -3.63 -2.48 -11.68
C1 A06 C . -3.55 -21.31 -6.48
C6 A06 C . -4.26 -21.24 -7.68
C5 A06 C . -4.32 -20.03 -8.37
C4 A06 C . -3.66 -18.91 -7.86
C3 A06 C . -2.95 -19.00 -6.67
C2 A06 C . -2.89 -20.20 -5.98
C8 A06 C . -0.09 -23.38 -8.04
C9 A06 C . 0.34 -23.95 -9.23
C10 A06 C . 1.55 -23.52 -9.79
C11 A06 C . 2.32 -22.55 -9.16
C12 A06 C . 1.92 -21.96 -7.96
C13 A06 C . 0.73 -22.35 -7.37
N14 A06 C . 0.07 -22.00 -6.26
C15 A06 C . -1.07 -22.74 -6.19
C14 A06 C . -3.47 -22.59 -5.74
C16 A06 C . -2.10 -22.64 -5.09
CL1 A06 C . 3.85 -22.02 -9.91
N9 A06 C . -1.17 -23.55 -7.27
CL2 A06 C . -3.72 -17.33 -8.73
S DMS D . -14.49 4.09 5.70
O DMS D . -16.06 4.57 4.99
C1 DMS D . -14.11 2.39 5.19
C2 DMS D . -14.70 3.79 7.48
CL CL E . -4.43 -15.39 -21.75
CL CL F . -16.65 -6.00 -10.51
CL CL G . 13.92 17.00 10.25
CL CL H . -14.06 4.02 11.39
CL CL I . -11.27 -16.17 -3.82
CL CL J . -12.08 -5.76 -22.70
CL CL K . 0.55 22.10 14.50
CL CL K . -0.26 20.08 15.11
CL CL L . 14.63 -3.14 -0.40
#